data_5ZJB
#
_entry.id   5ZJB
#
_cell.length_a   49.325
_cell.length_b   70.417
_cell.length_c   150.399
_cell.angle_alpha   90.000
_cell.angle_beta   90.000
_cell.angle_gamma   90.000
#
_symmetry.space_group_name_H-M   'P 21 21 21'
#
loop_
_entity.id
_entity.type
_entity.pdbx_description
1 polymer 'Putative N-acetylmannosamine-6-phosphate 2-epimerase'
2 non-polymer 'MALONATE ION'
3 non-polymer DI(HYDROXYETHYL)ETHER
4 water water
#
_entity_poly.entity_id   1
_entity_poly.type   'polypeptide(L)'
_entity_poly.pdbx_seq_one_letter_code
;MHHHHHHITSLYKKAGFMRKNFLNIEELKRFLNGQTVVSIQPVTGSPLDKTDFIVAMAIAVEQAGAKALRIEGVSNVAAV
SAAVTIPIIGIVKRDLPDSPVRITPFVSDVDGLANAGATVIAFDATNRTRPESRERIAQAIKNTGCFAMADCSTFEDGLW
ANSQGVEIVGSTLSGYVGDIEPTVPDFQLVKAFSEAGFFTMAEGRYNTPELAAKAIESGAVAVTVGSALTRLEVVTQWFN
NATQAAGERKCAH
;
_entity_poly.pdbx_strand_id   A,B
#
# COMPACT_ATOMS: atom_id res chain seq x y z
N LYS A 20 15.94 -16.67 -22.68
CA LYS A 20 16.88 -17.61 -22.10
C LYS A 20 16.46 -18.00 -20.68
N ASN A 21 15.92 -17.03 -19.94
CA ASN A 21 15.52 -17.28 -18.57
C ASN A 21 14.39 -18.30 -18.51
N PHE A 22 13.45 -18.24 -19.47
CA PHE A 22 12.36 -19.21 -19.56
C PHE A 22 12.39 -19.83 -20.94
N LEU A 23 12.57 -21.15 -20.99
CA LEU A 23 12.69 -21.85 -22.26
C LEU A 23 11.33 -22.07 -22.92
N ASN A 24 10.26 -22.12 -22.14
CA ASN A 24 8.93 -22.38 -22.68
C ASN A 24 7.92 -21.91 -21.66
N ILE A 25 6.64 -21.94 -22.07
CA ILE A 25 5.58 -21.39 -21.21
C ILE A 25 5.35 -22.28 -20.00
N GLU A 26 5.62 -23.58 -20.10
CA GLU A 26 5.42 -24.46 -18.94
C GLU A 26 6.39 -24.10 -17.82
N GLU A 27 7.62 -23.72 -18.17
CA GLU A 27 8.56 -23.28 -17.13
C GLU A 27 8.02 -22.05 -16.40
N LEU A 28 7.50 -21.07 -17.15
CA LEU A 28 6.91 -19.90 -16.51
C LEU A 28 5.71 -20.27 -15.65
N LYS A 29 4.87 -21.19 -16.14
CA LYS A 29 3.70 -21.60 -15.38
C LYS A 29 4.10 -22.19 -14.03
N ARG A 30 5.10 -23.08 -14.02
CA ARG A 30 5.57 -23.60 -12.74
C ARG A 30 6.18 -22.49 -11.88
N PHE A 31 6.93 -21.58 -12.50
CA PHE A 31 7.55 -20.47 -11.78
C PHE A 31 6.50 -19.62 -11.09
N LEU A 32 5.38 -19.34 -11.76
CA LEU A 32 4.38 -18.42 -11.22
C LEU A 32 3.29 -19.11 -10.41
N ASN A 33 3.35 -20.43 -10.24
CA ASN A 33 2.27 -21.10 -9.51
C ASN A 33 2.17 -20.56 -8.09
N GLY A 34 0.96 -20.14 -7.73
CA GLY A 34 0.69 -19.61 -6.40
C GLY A 34 1.24 -18.23 -6.12
N GLN A 35 1.74 -17.52 -7.13
CA GLN A 35 2.40 -16.24 -6.90
C GLN A 35 1.44 -15.07 -7.03
N THR A 36 1.72 -14.01 -6.25
CA THR A 36 1.13 -12.69 -6.50
C THR A 36 2.04 -11.92 -7.44
N VAL A 37 1.51 -11.50 -8.57
CA VAL A 37 2.24 -10.65 -9.51
C VAL A 37 1.88 -9.19 -9.20
N VAL A 38 2.90 -8.35 -9.04
CA VAL A 38 2.68 -6.97 -8.62
C VAL A 38 2.57 -6.08 -9.85
N SER A 39 1.41 -5.50 -10.06
CA SER A 39 1.23 -4.49 -11.09
C SER A 39 1.61 -3.14 -10.50
N ILE A 40 2.65 -2.52 -11.06
CA ILE A 40 3.14 -1.24 -10.52
C ILE A 40 2.68 -0.12 -11.45
N GLN A 41 1.46 0.37 -11.24
CA GLN A 41 0.89 1.44 -12.06
C GLN A 41 0.36 2.51 -11.12
N PRO A 42 1.19 3.50 -10.77
CA PRO A 42 0.74 4.56 -9.85
C PRO A 42 -0.40 5.36 -10.46
N VAL A 43 -1.09 6.09 -9.58
CA VAL A 43 -2.19 6.96 -10.00
C VAL A 43 -1.69 8.00 -10.99
N THR A 44 -2.37 8.12 -12.13
CA THR A 44 -1.96 9.09 -13.12
C THR A 44 -2.11 10.50 -12.58
N GLY A 45 -1.07 11.31 -12.74
CA GLY A 45 -1.07 12.65 -12.21
C GLY A 45 -0.54 12.78 -10.80
N SER A 46 -0.20 11.66 -10.15
CA SER A 46 0.32 11.65 -8.78
C SER A 46 1.80 11.99 -8.75
N PRO A 47 2.28 12.58 -7.65
CA PRO A 47 3.74 12.68 -7.48
C PRO A 47 4.41 11.32 -7.52
N LEU A 48 3.66 10.24 -7.28
CA LEU A 48 4.23 8.91 -7.29
C LEU A 48 4.37 8.33 -8.68
N ASP A 49 3.75 8.96 -9.69
CA ASP A 49 3.79 8.43 -11.06
C ASP A 49 5.05 8.96 -11.72
N LYS A 50 6.17 8.37 -11.34
CA LYS A 50 7.49 8.81 -11.76
C LYS A 50 8.35 7.58 -12.00
N THR A 51 9.11 7.57 -13.09
CA THR A 51 9.86 6.35 -13.40
C THR A 51 10.78 5.95 -12.24
N ASP A 52 11.43 6.92 -11.59
CA ASP A 52 12.32 6.58 -10.48
C ASP A 52 11.57 5.85 -9.37
N PHE A 53 10.34 6.28 -9.07
CA PHE A 53 9.58 5.63 -8.00
CA PHE A 53 9.57 5.63 -8.00
C PHE A 53 9.05 4.27 -8.44
N ILE A 54 8.67 4.14 -9.71
CA ILE A 54 8.24 2.84 -10.21
C ILE A 54 9.39 1.84 -10.12
N VAL A 55 10.59 2.26 -10.54
CA VAL A 55 11.76 1.40 -10.42
C VAL A 55 12.02 1.04 -8.96
N ALA A 56 11.97 2.03 -8.06
CA ALA A 56 12.17 1.74 -6.65
C ALA A 56 11.15 0.72 -6.13
N MET A 57 9.88 0.89 -6.50
CA MET A 57 8.88 -0.09 -6.07
C MET A 57 9.19 -1.47 -6.64
N ALA A 58 9.66 -1.52 -7.89
CA ALA A 58 9.98 -2.81 -8.50
C ALA A 58 11.11 -3.51 -7.74
N ILE A 59 12.17 -2.77 -7.45
CA ILE A 59 13.28 -3.31 -6.67
C ILE A 59 12.79 -3.79 -5.32
N ALA A 60 11.97 -2.98 -4.65
CA ALA A 60 11.50 -3.34 -3.32
C ALA A 60 10.67 -4.62 -3.35
N VAL A 61 9.76 -4.77 -4.31
CA VAL A 61 8.93 -5.98 -4.27
C VAL A 61 9.75 -7.20 -4.67
N GLU A 62 10.70 -7.05 -5.60
CA GLU A 62 11.61 -8.17 -5.86
C GLU A 62 12.31 -8.63 -4.59
N GLN A 63 12.83 -7.67 -3.80
CA GLN A 63 13.52 -8.03 -2.57
C GLN A 63 12.57 -8.67 -1.58
N ALA A 64 11.31 -8.28 -1.60
CA ALA A 64 10.30 -8.85 -0.71
C ALA A 64 9.84 -10.23 -1.15
N GLY A 65 10.25 -10.71 -2.32
CA GLY A 65 9.92 -12.04 -2.77
C GLY A 65 8.95 -12.12 -3.92
N ALA A 66 8.53 -11.00 -4.51
CA ALA A 66 7.66 -11.04 -5.66
C ALA A 66 8.38 -11.70 -6.83
N LYS A 67 7.67 -12.53 -7.58
CA LYS A 67 8.28 -13.30 -8.67
C LYS A 67 8.03 -12.71 -10.05
N ALA A 68 7.10 -11.77 -10.18
CA ALA A 68 6.85 -11.14 -11.48
C ALA A 68 6.13 -9.81 -11.26
N LEU A 69 6.15 -8.99 -12.32
CA LEU A 69 5.61 -7.64 -12.29
C LEU A 69 4.77 -7.39 -13.54
N ARG A 70 3.81 -6.48 -13.42
CA ARG A 70 3.21 -5.84 -14.58
C ARG A 70 3.60 -4.37 -14.59
N ILE A 71 4.17 -3.92 -15.70
CA ILE A 71 4.67 -2.56 -15.84
C ILE A 71 4.03 -1.95 -17.08
N GLU A 72 3.65 -0.68 -17.00
CA GLU A 72 2.98 0.02 -18.08
C GLU A 72 3.92 1.09 -18.65
N GLY A 73 4.02 1.14 -19.96
CA GLY A 73 4.86 2.13 -20.62
C GLY A 73 6.20 1.58 -21.07
N VAL A 74 6.56 1.85 -22.33
CA VAL A 74 7.80 1.28 -22.87
C VAL A 74 9.01 1.75 -22.06
N SER A 75 9.09 3.05 -21.74
CA SER A 75 10.29 3.51 -21.05
C SER A 75 10.29 3.01 -19.60
N ASN A 76 9.12 2.83 -19.00
CA ASN A 76 9.09 2.21 -17.68
C ASN A 76 9.55 0.75 -17.74
N VAL A 77 9.10 -0.01 -18.75
CA VAL A 77 9.57 -1.39 -18.90
C VAL A 77 11.08 -1.43 -19.05
N ALA A 78 11.65 -0.51 -19.84
CA ALA A 78 13.09 -0.51 -20.03
C ALA A 78 13.82 -0.19 -18.72
N ALA A 79 13.33 0.79 -17.96
CA ALA A 79 13.99 1.15 -16.72
C ALA A 79 13.87 0.03 -15.69
N VAL A 80 12.70 -0.60 -15.60
CA VAL A 80 12.53 -1.67 -14.61
C VAL A 80 13.34 -2.89 -15.01
N SER A 81 13.31 -3.25 -16.30
CA SER A 81 14.07 -4.44 -16.69
C SER A 81 15.56 -4.28 -16.43
N ALA A 82 16.07 -3.04 -16.49
CA ALA A 82 17.47 -2.79 -16.16
C ALA A 82 17.76 -2.96 -14.68
N ALA A 83 16.74 -2.86 -13.82
CA ALA A 83 16.94 -2.85 -12.38
C ALA A 83 16.58 -4.14 -11.67
N VAL A 84 15.74 -4.98 -12.26
CA VAL A 84 15.29 -6.21 -11.61
C VAL A 84 15.57 -7.39 -12.53
N THR A 85 15.55 -8.59 -11.95
CA THR A 85 15.76 -9.80 -12.73
C THR A 85 14.49 -10.61 -12.93
N ILE A 86 13.43 -10.35 -12.17
CA ILE A 86 12.19 -11.10 -12.31
C ILE A 86 11.47 -10.71 -13.60
N PRO A 87 10.67 -11.62 -14.18
CA PRO A 87 10.03 -11.31 -15.47
C PRO A 87 8.98 -10.21 -15.38
N ILE A 88 8.88 -9.44 -16.46
CA ILE A 88 7.95 -8.31 -16.57
C ILE A 88 6.86 -8.64 -17.57
N ILE A 89 5.61 -8.41 -17.16
CA ILE A 89 4.47 -8.39 -18.06
C ILE A 89 4.29 -6.94 -18.49
N GLY A 90 4.55 -6.65 -19.76
CA GLY A 90 4.51 -5.28 -20.27
C GLY A 90 3.22 -4.92 -20.98
N ILE A 91 2.72 -3.71 -20.71
CA ILE A 91 1.62 -3.13 -21.47
C ILE A 91 1.93 -1.68 -21.80
N VAL A 92 1.16 -1.12 -22.75
CA VAL A 92 1.07 0.33 -22.94
C VAL A 92 -0.41 0.69 -22.91
N LYS A 93 -0.78 1.64 -22.04
CA LYS A 93 -2.16 2.10 -21.96
C LYS A 93 -2.32 3.40 -22.74
N ARG A 94 -3.33 3.43 -23.63
CA ARG A 94 -3.62 4.60 -24.43
C ARG A 94 -5.09 4.98 -24.33
N ASP A 95 -5.38 6.26 -24.48
CA ASP A 95 -6.73 6.77 -24.65
C ASP A 95 -6.94 7.02 -26.14
N LEU A 96 -7.69 6.15 -26.78
CA LEU A 96 -7.89 6.25 -28.22
C LEU A 96 -9.12 7.10 -28.54
N PRO A 97 -9.10 7.81 -29.67
CA PRO A 97 -10.21 8.72 -29.99
C PRO A 97 -11.46 8.00 -30.47
N ASP A 98 -11.28 6.88 -31.20
CA ASP A 98 -12.40 6.18 -31.83
C ASP A 98 -12.57 4.76 -31.31
N SER A 99 -12.07 4.46 -30.11
CA SER A 99 -12.09 3.09 -29.61
C SER A 99 -12.05 3.08 -28.11
N PRO A 100 -12.76 2.17 -27.43
CA PRO A 100 -12.63 2.05 -25.98
C PRO A 100 -11.45 1.21 -25.52
N VAL A 101 -10.75 0.54 -26.43
CA VAL A 101 -9.59 -0.28 -26.06
C VAL A 101 -8.46 0.62 -25.57
N ARG A 102 -7.80 0.20 -24.50
CA ARG A 102 -6.68 0.96 -23.94
C ARG A 102 -5.40 0.17 -23.82
N ILE A 103 -5.45 -1.15 -23.60
CA ILE A 103 -4.28 -1.92 -23.24
C ILE A 103 -3.61 -2.45 -24.50
N THR A 104 -2.45 -1.89 -24.81
CA THR A 104 -1.59 -2.32 -25.91
C THR A 104 -2.32 -2.46 -27.24
N PRO A 105 -2.85 -1.36 -27.79
CA PRO A 105 -3.70 -1.45 -28.99
C PRO A 105 -2.97 -1.37 -30.32
N PHE A 106 -1.65 -1.14 -30.33
CA PHE A 106 -0.88 -1.00 -31.56
C PHE A 106 0.28 -1.99 -31.61
N VAL A 107 0.60 -2.47 -32.82
CA VAL A 107 1.77 -3.32 -32.91
C VAL A 107 3.06 -2.55 -32.64
N SER A 108 3.07 -1.23 -32.84
CA SER A 108 4.25 -0.46 -32.49
C SER A 108 4.51 -0.51 -30.98
N ASP A 109 3.44 -0.53 -30.18
CA ASP A 109 3.59 -0.74 -28.75
C ASP A 109 4.13 -2.13 -28.44
N VAL A 110 3.62 -3.16 -29.13
CA VAL A 110 4.16 -4.50 -28.99
C VAL A 110 5.66 -4.50 -29.27
N ASP A 111 6.06 -3.91 -30.40
CA ASP A 111 7.48 -3.91 -30.75
C ASP A 111 8.31 -3.23 -29.68
N GLY A 112 7.85 -2.07 -29.19
CA GLY A 112 8.62 -1.33 -28.21
C GLY A 112 8.72 -2.07 -26.88
N LEU A 113 7.65 -2.73 -26.48
CA LEU A 113 7.67 -3.50 -25.24
C LEU A 113 8.65 -4.67 -25.33
N ALA A 114 8.67 -5.36 -26.47
CA ALA A 114 9.62 -6.45 -26.63
C ALA A 114 11.05 -5.92 -26.59
N ASN A 115 11.30 -4.83 -27.35
CA ASN A 115 12.63 -4.26 -27.37
C ASN A 115 13.05 -3.76 -26.00
N ALA A 116 12.08 -3.35 -25.16
CA ALA A 116 12.39 -2.82 -23.84
C ALA A 116 12.69 -3.91 -22.82
N GLY A 117 12.41 -5.15 -23.14
CA GLY A 117 12.74 -6.25 -22.27
C GLY A 117 11.58 -6.93 -21.58
N ALA A 118 10.36 -6.75 -22.05
CA ALA A 118 9.24 -7.51 -21.50
C ALA A 118 9.46 -9.01 -21.70
N THR A 119 9.09 -9.80 -20.72
CA THR A 119 9.01 -11.25 -20.91
C THR A 119 7.66 -11.66 -21.48
N VAL A 120 6.59 -11.05 -20.97
CA VAL A 120 5.23 -11.26 -21.41
C VAL A 120 4.69 -9.92 -21.87
N ILE A 121 3.90 -9.90 -22.93
CA ILE A 121 3.19 -8.70 -23.37
C ILE A 121 1.70 -8.96 -23.28
N ALA A 122 0.99 -8.11 -22.55
CA ALA A 122 -0.46 -8.24 -22.38
C ALA A 122 -1.18 -7.24 -23.27
N PHE A 123 -2.39 -7.61 -23.68
CA PHE A 123 -3.15 -6.78 -24.60
C PHE A 123 -4.63 -7.02 -24.41
N ASP A 124 -5.41 -5.98 -24.68
CA ASP A 124 -6.87 -6.08 -24.65
C ASP A 124 -7.34 -7.05 -25.71
N ALA A 125 -7.99 -8.14 -25.29
CA ALA A 125 -8.43 -9.20 -26.18
C ALA A 125 -9.92 -9.15 -26.47
N THR A 126 -10.59 -8.06 -26.11
CA THR A 126 -12.02 -7.92 -26.36
C THR A 126 -12.28 -7.73 -27.85
N ASN A 127 -13.49 -8.05 -28.26
CA ASN A 127 -13.89 -7.92 -29.66
C ASN A 127 -14.61 -6.59 -29.90
N ARG A 128 -14.02 -5.51 -29.44
CA ARG A 128 -14.58 -4.17 -29.58
C ARG A 128 -13.93 -3.44 -30.75
N THR A 129 -14.54 -2.31 -31.14
CA THR A 129 -13.95 -1.46 -32.17
C THR A 129 -12.54 -1.07 -31.76
N ARG A 130 -11.60 -1.22 -32.69
CA ARG A 130 -10.19 -1.03 -32.35
C ARG A 130 -9.42 -0.68 -33.61
N PRO A 131 -8.29 0.04 -33.47
CA PRO A 131 -7.58 0.49 -34.67
C PRO A 131 -6.82 -0.61 -35.39
N GLU A 132 -6.42 -1.66 -34.69
CA GLU A 132 -5.75 -2.81 -35.29
C GLU A 132 -6.39 -4.06 -34.73
N SER A 133 -6.53 -5.10 -35.56
CA SER A 133 -7.27 -6.28 -35.13
C SER A 133 -6.57 -6.96 -33.97
N ARG A 134 -7.36 -7.55 -33.06
CA ARG A 134 -6.75 -8.32 -31.98
C ARG A 134 -5.94 -9.48 -32.52
N GLU A 135 -6.28 -10.01 -33.69
CA GLU A 135 -5.45 -11.06 -34.28
C GLU A 135 -4.04 -10.55 -34.56
N ARG A 136 -3.93 -9.35 -35.14
CA ARG A 136 -2.61 -8.82 -35.47
C ARG A 136 -1.80 -8.53 -34.21
N ILE A 137 -2.47 -8.02 -33.16
CA ILE A 137 -1.75 -7.77 -31.90
C ILE A 137 -1.18 -9.07 -31.37
N ALA A 138 -2.01 -10.13 -31.31
CA ALA A 138 -1.53 -11.40 -30.78
C ALA A 138 -0.41 -11.96 -31.65
N GLN A 139 -0.56 -11.88 -32.99
CA GLN A 139 0.50 -12.32 -33.90
C GLN A 139 1.80 -11.58 -33.65
N ALA A 140 1.73 -10.25 -33.57
CA ALA A 140 2.92 -9.44 -33.38
C ALA A 140 3.65 -9.83 -32.11
N ILE A 141 2.92 -10.08 -31.02
CA ILE A 141 3.59 -10.49 -29.79
C ILE A 141 4.31 -11.81 -30.00
N LYS A 142 3.63 -12.79 -30.58
CA LYS A 142 4.23 -14.11 -30.77
C LYS A 142 5.50 -14.01 -31.60
N ASN A 143 5.50 -13.15 -32.61
CA ASN A 143 6.67 -13.03 -33.47
C ASN A 143 7.88 -12.47 -32.73
N THR A 144 7.68 -11.69 -31.66
CA THR A 144 8.83 -11.16 -30.93
C THR A 144 9.51 -12.21 -30.07
N GLY A 145 8.85 -13.34 -29.81
CA GLY A 145 9.36 -14.31 -28.87
C GLY A 145 8.88 -14.08 -27.45
N CYS A 146 8.23 -12.96 -27.18
CA CYS A 146 7.59 -12.77 -25.88
C CYS A 146 6.37 -13.68 -25.78
N PHE A 147 6.06 -14.13 -24.57
CA PHE A 147 4.77 -14.76 -24.37
C PHE A 147 3.68 -13.70 -24.46
N ALA A 148 2.51 -14.10 -24.93
CA ALA A 148 1.37 -13.22 -25.02
C ALA A 148 0.41 -13.48 -23.86
N MET A 149 -0.21 -12.43 -23.35
CA MET A 149 -1.25 -12.53 -22.33
C MET A 149 -2.47 -11.76 -22.79
N ALA A 150 -3.60 -12.43 -22.87
CA ALA A 150 -4.85 -11.81 -23.30
C ALA A 150 -5.56 -11.26 -22.08
N ASP A 151 -5.71 -9.94 -22.00
CA ASP A 151 -6.55 -9.32 -20.97
C ASP A 151 -8.01 -9.43 -21.43
N CYS A 152 -8.80 -10.26 -20.75
CA CYS A 152 -10.13 -10.64 -21.22
C CYS A 152 -11.23 -10.07 -20.34
N SER A 153 -12.39 -9.84 -20.96
CA SER A 153 -13.59 -9.43 -20.23
C SER A 153 -14.63 -10.54 -20.08
N THR A 154 -14.64 -11.50 -20.99
CA THR A 154 -15.59 -12.60 -20.95
C THR A 154 -14.88 -13.89 -21.31
N PHE A 155 -15.56 -15.02 -21.06
CA PHE A 155 -15.00 -16.30 -21.46
C PHE A 155 -14.76 -16.37 -22.95
N GLU A 156 -15.62 -15.75 -23.75
CA GLU A 156 -15.44 -15.78 -25.20
C GLU A 156 -14.11 -15.16 -25.60
N ASP A 157 -13.68 -14.10 -24.90
CA ASP A 157 -12.41 -13.47 -25.23
C ASP A 157 -11.25 -14.45 -25.07
N GLY A 158 -11.23 -15.18 -23.96
CA GLY A 158 -10.12 -16.09 -23.73
C GLY A 158 -10.15 -17.30 -24.66
N LEU A 159 -11.35 -17.73 -25.06
CA LEU A 159 -11.45 -18.80 -26.05
C LEU A 159 -10.89 -18.36 -27.39
N TRP A 160 -11.19 -17.13 -27.81
CA TRP A 160 -10.53 -16.57 -28.98
C TRP A 160 -9.02 -16.54 -28.78
N ALA A 161 -8.57 -16.05 -27.62
CA ALA A 161 -7.13 -15.95 -27.39
C ALA A 161 -6.46 -17.32 -27.48
N ASN A 162 -7.06 -18.33 -26.84
CA ASN A 162 -6.49 -19.68 -26.90
C ASN A 162 -6.46 -20.20 -28.32
N SER A 163 -7.50 -19.91 -29.10
CA SER A 163 -7.52 -20.33 -30.49
C SER A 163 -6.36 -19.70 -31.27
N GLN A 164 -5.84 -18.57 -30.81
CA GLN A 164 -4.73 -17.90 -31.48
C GLN A 164 -3.38 -18.29 -30.91
N GLY A 165 -3.33 -19.25 -29.99
CA GLY A 165 -2.06 -19.62 -29.39
C GLY A 165 -1.53 -18.65 -28.36
N VAL A 166 -2.38 -17.77 -27.83
CA VAL A 166 -1.96 -16.90 -26.73
C VAL A 166 -1.70 -17.75 -25.50
N GLU A 167 -0.56 -17.51 -24.85
CA GLU A 167 -0.11 -18.40 -23.76
C GLU A 167 -0.89 -18.21 -22.47
N ILE A 168 -1.26 -16.96 -22.14
CA ILE A 168 -1.85 -16.64 -20.84
C ILE A 168 -3.15 -15.89 -21.05
N VAL A 169 -4.18 -16.21 -20.26
CA VAL A 169 -5.44 -15.49 -20.34
C VAL A 169 -5.72 -14.89 -18.97
N GLY A 170 -6.03 -13.61 -18.94
CA GLY A 170 -6.32 -12.90 -17.69
C GLY A 170 -7.77 -12.46 -17.66
N SER A 171 -8.33 -12.35 -16.44
CA SER A 171 -9.64 -11.77 -16.23
C SER A 171 -9.60 -10.24 -16.05
N THR A 172 -8.47 -9.64 -16.42
CA THR A 172 -8.20 -8.20 -16.27
C THR A 172 -9.38 -7.27 -16.56
N LEU A 173 -10.10 -7.50 -17.65
CA LEU A 173 -11.08 -6.53 -18.09
C LEU A 173 -12.51 -6.90 -17.74
N SER A 174 -12.73 -7.99 -17.03
CA SER A 174 -14.08 -8.31 -16.59
C SER A 174 -14.56 -7.23 -15.62
N GLY A 175 -15.70 -6.63 -15.93
CA GLY A 175 -16.21 -5.52 -15.16
C GLY A 175 -15.78 -4.14 -15.61
N TYR A 176 -15.06 -4.03 -16.73
CA TYR A 176 -14.55 -2.75 -17.20
C TYR A 176 -14.97 -2.44 -18.63
N VAL A 177 -15.94 -3.16 -19.17
CA VAL A 177 -16.35 -2.97 -20.55
C VAL A 177 -17.76 -2.43 -20.70
N GLY A 178 -18.61 -2.57 -19.69
CA GLY A 178 -19.98 -2.17 -19.87
C GLY A 178 -20.45 -1.12 -18.91
N ASP A 179 -21.67 -1.27 -18.44
CA ASP A 179 -22.20 -0.41 -17.40
C ASP A 179 -21.88 -1.04 -16.06
N ILE A 180 -21.34 -0.21 -15.14
CA ILE A 180 -21.33 -0.47 -13.71
C ILE A 180 -20.16 -1.39 -13.38
N GLU A 181 -19.18 -0.84 -12.67
CA GLU A 181 -18.08 -1.64 -12.18
C GLU A 181 -18.56 -2.49 -11.03
N PRO A 182 -18.57 -3.81 -11.16
CA PRO A 182 -18.74 -4.64 -9.96
C PRO A 182 -17.68 -4.24 -8.94
N THR A 183 -17.96 -4.59 -7.68
CA THR A 183 -16.96 -4.43 -6.65
C THR A 183 -16.24 -5.72 -6.31
N VAL A 184 -16.93 -6.86 -6.43
CA VAL A 184 -16.32 -8.16 -6.14
C VAL A 184 -15.54 -8.62 -7.37
N PRO A 185 -14.54 -9.47 -7.20
CA PRO A 185 -13.82 -10.01 -8.36
C PRO A 185 -14.66 -11.05 -9.09
N ASP A 186 -14.32 -11.27 -10.36
CA ASP A 186 -15.02 -12.23 -11.21
C ASP A 186 -14.39 -13.61 -11.04
N PHE A 187 -14.81 -14.30 -9.98
CA PHE A 187 -14.28 -15.64 -9.72
C PHE A 187 -14.75 -16.65 -10.74
N GLN A 188 -15.97 -16.50 -11.25
CA GLN A 188 -16.51 -17.48 -12.19
C GLN A 188 -15.72 -17.49 -13.50
N LEU A 189 -15.26 -16.32 -13.94
CA LEU A 189 -14.44 -16.29 -15.15
C LEU A 189 -13.13 -17.02 -14.93
N VAL A 190 -12.52 -16.86 -13.75
CA VAL A 190 -11.29 -17.58 -13.43
C VAL A 190 -11.54 -19.09 -13.46
N LYS A 191 -12.61 -19.54 -12.81
CA LYS A 191 -12.91 -20.97 -12.79
C LYS A 191 -13.12 -21.51 -14.19
N ALA A 192 -13.87 -20.77 -15.01
CA ALA A 192 -14.16 -21.23 -16.37
C ALA A 192 -12.87 -21.34 -17.19
N PHE A 193 -12.04 -20.30 -17.12
CA PHE A 193 -10.76 -20.33 -17.83
C PHE A 193 -9.92 -21.52 -17.38
N SER A 194 -9.77 -21.73 -16.07
CA SER A 194 -8.90 -22.80 -15.62
C SER A 194 -9.48 -24.16 -15.96
N GLU A 195 -10.80 -24.34 -15.83
CA GLU A 195 -11.38 -25.63 -16.21
C GLU A 195 -11.25 -25.91 -17.70
N ALA A 196 -11.12 -24.88 -18.53
CA ALA A 196 -10.85 -25.04 -19.95
C ALA A 196 -9.38 -25.32 -20.23
N GLY A 197 -8.55 -25.46 -19.21
CA GLY A 197 -7.16 -25.77 -19.40
C GLY A 197 -6.27 -24.58 -19.70
N PHE A 198 -6.79 -23.36 -19.61
CA PHE A 198 -5.99 -22.17 -19.91
C PHE A 198 -5.07 -21.83 -18.75
N PHE A 199 -3.88 -21.34 -19.09
CA PHE A 199 -2.96 -20.72 -18.14
C PHE A 199 -3.60 -19.42 -17.68
N THR A 200 -4.27 -19.46 -16.52
CA THR A 200 -5.19 -18.40 -16.10
C THR A 200 -4.54 -17.47 -15.08
N MET A 201 -4.55 -16.18 -15.39
CA MET A 201 -4.08 -15.14 -14.47
C MET A 201 -5.32 -14.43 -13.95
N ALA A 202 -5.59 -14.57 -12.66
CA ALA A 202 -6.65 -13.78 -12.06
C ALA A 202 -6.17 -12.34 -11.94
N GLU A 203 -7.01 -11.40 -12.35
CA GLU A 203 -6.63 -9.99 -12.32
C GLU A 203 -7.88 -9.13 -12.28
N GLY A 204 -7.95 -8.24 -11.31
CA GLY A 204 -9.07 -7.32 -11.22
C GLY A 204 -9.78 -7.40 -9.88
N ARG A 205 -9.49 -6.44 -8.99
CA ARG A 205 -10.24 -6.24 -7.74
C ARG A 205 -9.92 -7.29 -6.68
N TYR A 206 -8.79 -7.99 -6.79
CA TYR A 206 -8.34 -8.90 -5.73
C TYR A 206 -7.62 -8.05 -4.69
N ASN A 207 -8.42 -7.34 -3.89
CA ASN A 207 -7.95 -6.23 -3.07
C ASN A 207 -7.39 -6.66 -1.72
N THR A 208 -7.46 -7.94 -1.39
CA THR A 208 -7.00 -8.47 -0.12
C THR A 208 -6.26 -9.77 -0.37
N PRO A 209 -5.34 -10.14 0.51
CA PRO A 209 -4.72 -11.47 0.38
C PRO A 209 -5.74 -12.60 0.36
N GLU A 210 -6.83 -12.48 1.11
CA GLU A 210 -7.84 -13.54 1.12
C GLU A 210 -8.54 -13.67 -0.22
N LEU A 211 -8.87 -12.54 -0.88
CA LEU A 211 -9.50 -12.64 -2.18
C LEU A 211 -8.52 -13.21 -3.20
N ALA A 212 -7.25 -12.78 -3.12
CA ALA A 212 -6.22 -13.31 -4.02
C ALA A 212 -6.06 -14.81 -3.83
N ALA A 213 -5.97 -15.27 -2.58
CA ALA A 213 -5.83 -16.70 -2.32
C ALA A 213 -7.02 -17.48 -2.87
N LYS A 214 -8.22 -16.88 -2.80
CA LYS A 214 -9.41 -17.52 -3.33
C LYS A 214 -9.34 -17.66 -4.85
N ALA A 215 -8.70 -16.70 -5.53
CA ALA A 215 -8.49 -16.85 -6.97
C ALA A 215 -7.62 -18.05 -7.27
N ILE A 216 -6.57 -18.26 -6.47
CA ILE A 216 -5.75 -19.47 -6.61
C ILE A 216 -6.60 -20.71 -6.42
N GLU A 217 -7.39 -20.75 -5.34
CA GLU A 217 -8.24 -21.91 -5.12
C GLU A 217 -9.28 -22.08 -6.21
N SER A 218 -9.65 -20.98 -6.90
CA SER A 218 -10.59 -21.03 -8.00
C SER A 218 -9.97 -21.56 -9.29
N GLY A 219 -8.66 -21.84 -9.30
CA GLY A 219 -7.99 -22.39 -10.46
C GLY A 219 -6.95 -21.49 -11.09
N ALA A 220 -6.77 -20.25 -10.63
CA ALA A 220 -5.75 -19.40 -11.22
C ALA A 220 -4.36 -19.96 -10.94
N VAL A 221 -3.49 -19.87 -11.94
CA VAL A 221 -2.07 -20.12 -11.69
C VAL A 221 -1.51 -19.06 -10.78
N ALA A 222 -1.79 -17.80 -11.09
CA ALA A 222 -1.25 -16.68 -10.36
C ALA A 222 -2.31 -15.59 -10.31
N VAL A 223 -2.08 -14.59 -9.47
CA VAL A 223 -3.00 -13.48 -9.35
C VAL A 223 -2.20 -12.18 -9.43
N THR A 224 -2.62 -11.26 -10.29
CA THR A 224 -1.99 -9.96 -10.41
C THR A 224 -2.78 -8.96 -9.56
N VAL A 225 -2.07 -8.23 -8.70
CA VAL A 225 -2.63 -7.23 -7.79
C VAL A 225 -1.99 -5.88 -8.09
N GLY A 226 -2.83 -4.86 -8.27
CA GLY A 226 -2.34 -3.51 -8.53
C GLY A 226 -2.70 -2.56 -7.41
N SER A 227 -3.93 -2.04 -7.43
CA SER A 227 -4.31 -0.93 -6.54
C SER A 227 -3.91 -1.19 -5.09
N ALA A 228 -4.24 -2.39 -4.58
CA ALA A 228 -4.04 -2.67 -3.16
C ALA A 228 -2.58 -2.59 -2.75
N LEU A 229 -1.65 -2.73 -3.71
CA LEU A 229 -0.23 -2.62 -3.43
C LEU A 229 0.40 -1.31 -3.89
N THR A 230 -0.01 -0.78 -5.05
CA THR A 230 0.78 0.29 -5.67
C THR A 230 -0.02 1.54 -6.02
N ARG A 231 -1.26 1.70 -5.53
CA ARG A 231 -1.99 2.96 -5.67
C ARG A 231 -2.26 3.50 -4.27
N LEU A 232 -1.29 4.21 -3.70
CA LEU A 232 -1.40 4.68 -2.31
C LEU A 232 -2.66 5.48 -2.09
N GLU A 233 -3.00 6.37 -3.03
CA GLU A 233 -4.20 7.19 -2.87
C GLU A 233 -5.47 6.33 -2.77
N VAL A 234 -5.54 5.26 -3.56
CA VAL A 234 -6.74 4.42 -3.56
C VAL A 234 -6.88 3.70 -2.22
N VAL A 235 -5.79 3.11 -1.75
CA VAL A 235 -5.85 2.39 -0.48
C VAL A 235 -6.15 3.34 0.67
N THR A 236 -5.53 4.53 0.64
CA THR A 236 -5.84 5.55 1.65
C THR A 236 -7.35 5.81 1.70
N GLN A 237 -7.97 5.97 0.53
CA GLN A 237 -9.41 6.23 0.49
C GLN A 237 -10.23 5.03 0.99
N TRP A 238 -9.78 3.81 0.69
CA TRP A 238 -10.46 2.65 1.28
C TRP A 238 -10.48 2.76 2.80
N PHE A 239 -9.35 3.12 3.40
CA PHE A 239 -9.28 3.23 4.85
C PHE A 239 -10.19 4.35 5.35
N ASN A 240 -10.10 5.52 4.74
CA ASN A 240 -10.89 6.66 5.22
C ASN A 240 -12.38 6.44 4.99
N ASN A 241 -12.77 5.79 3.89
CA ASN A 241 -14.18 5.47 3.73
C ASN A 241 -14.69 4.67 4.91
N ALA A 242 -13.89 3.71 5.38
CA ALA A 242 -14.31 2.86 6.49
C ALA A 242 -14.31 3.64 7.81
N THR A 243 -13.23 4.40 8.08
CA THR A 243 -13.15 5.05 9.40
C THR A 243 -14.12 6.22 9.50
N GLN A 244 -14.27 6.99 8.42
CA GLN A 244 -15.17 8.13 8.46
C GLN A 244 -16.62 7.69 8.58
N ALA A 245 -16.97 6.54 8.00
CA ALA A 245 -18.31 5.99 8.20
C ALA A 245 -18.51 5.54 9.64
N ALA A 246 -17.49 4.91 10.24
CA ALA A 246 -17.59 4.51 11.64
C ALA A 246 -17.73 5.73 12.54
N GLY A 247 -17.02 6.82 12.22
CA GLY A 247 -17.16 8.03 13.02
C GLY A 247 -18.52 8.67 12.87
N GLU A 248 -19.13 8.54 11.69
CA GLU A 248 -20.50 9.00 11.49
C GLU A 248 -21.49 8.14 12.25
N ARG A 249 -21.35 6.82 12.15
CA ARG A 249 -22.21 5.91 12.91
C ARG A 249 -22.15 6.22 14.40
N LYS A 250 -20.94 6.30 14.95
CA LYS A 250 -20.78 6.65 16.35
C LYS A 250 -21.52 7.93 16.69
N CYS A 251 -21.40 8.94 15.84
CA CYS A 251 -22.08 10.22 16.04
C CYS A 251 -23.59 10.04 16.11
N LYS B 20 4.84 28.63 15.73
CA LYS B 20 4.49 27.46 16.52
C LYS B 20 3.05 27.04 16.26
N ASN B 21 2.54 26.12 17.06
CA ASN B 21 1.16 25.67 16.94
C ASN B 21 0.25 26.58 17.76
N PHE B 22 -0.86 27.01 17.17
CA PHE B 22 -1.81 27.88 17.84
C PHE B 22 -3.20 27.27 17.99
N LEU B 23 -3.46 26.09 17.41
CA LEU B 23 -4.75 25.44 17.58
C LEU B 23 -4.89 24.93 19.02
N ASN B 24 -6.15 24.77 19.43
CA ASN B 24 -6.46 24.12 20.69
C ASN B 24 -6.83 22.66 20.45
N ILE B 25 -6.76 21.86 21.52
CA ILE B 25 -6.87 20.43 21.35
C ILE B 25 -8.27 20.04 20.90
N GLU B 26 -9.30 20.77 21.34
CA GLU B 26 -10.65 20.44 20.92
C GLU B 26 -10.85 20.65 19.42
N GLU B 27 -10.19 21.68 18.86
CA GLU B 27 -10.22 21.87 17.42
C GLU B 27 -9.60 20.67 16.72
N LEU B 28 -8.43 20.23 17.20
CA LEU B 28 -7.77 19.09 16.58
C LEU B 28 -8.60 17.82 16.70
N LYS B 29 -9.28 17.64 17.84
CA LYS B 29 -10.15 16.48 18.00
C LYS B 29 -11.24 16.46 16.93
N ARG B 30 -11.91 17.60 16.70
CA ARG B 30 -12.95 17.64 15.68
C ARG B 30 -12.36 17.40 14.30
N PHE B 31 -11.17 17.97 14.06
CA PHE B 31 -10.50 17.83 12.78
C PHE B 31 -10.17 16.36 12.48
N LEU B 32 -9.76 15.60 13.50
CA LEU B 32 -9.30 14.23 13.31
C LEU B 32 -10.38 13.18 13.53
N ASN B 33 -11.57 13.57 13.99
CA ASN B 33 -12.58 12.57 14.30
C ASN B 33 -12.89 11.71 13.08
N GLY B 34 -12.82 10.39 13.28
CA GLY B 34 -13.13 9.45 12.22
C GLY B 34 -12.06 9.28 11.17
N GLN B 35 -10.90 9.89 11.35
CA GLN B 35 -9.89 9.99 10.30
C GLN B 35 -8.86 8.88 10.39
N THR B 36 -8.40 8.42 9.22
CA THR B 36 -7.19 7.60 9.14
C THR B 36 -5.98 8.53 9.04
N VAL B 37 -5.05 8.39 9.96
CA VAL B 37 -3.79 9.13 9.95
C VAL B 37 -2.73 8.24 9.32
N VAL B 38 -2.04 8.75 8.30
CA VAL B 38 -1.12 7.92 7.54
C VAL B 38 0.30 8.08 8.10
N SER B 39 0.84 6.98 8.62
CA SER B 39 2.21 6.96 9.11
C SER B 39 3.09 6.55 7.94
N ILE B 40 4.00 7.45 7.53
CA ILE B 40 4.81 7.21 6.35
C ILE B 40 6.22 6.86 6.79
N GLN B 41 6.42 5.58 7.12
CA GLN B 41 7.69 5.07 7.60
C GLN B 41 8.08 3.86 6.75
N PRO B 42 8.77 4.08 5.64
CA PRO B 42 9.12 2.94 4.78
C PRO B 42 10.03 1.96 5.51
N VAL B 43 10.13 0.76 4.95
CA VAL B 43 11.04 -0.25 5.48
C VAL B 43 12.46 0.31 5.51
N THR B 44 13.13 0.18 6.64
CA THR B 44 14.47 0.74 6.75
C THR B 44 15.41 0.05 5.77
N GLY B 45 16.18 0.85 5.06
CA GLY B 45 17.07 0.33 4.03
C GLY B 45 16.41 0.06 2.69
N SER B 46 15.10 0.22 2.59
CA SER B 46 14.40 0.01 1.32
C SER B 46 14.83 1.06 0.31
N PRO B 47 14.76 0.74 -0.99
CA PRO B 47 14.92 1.81 -1.99
C PRO B 47 13.84 2.87 -1.88
N LEU B 48 12.74 2.57 -1.16
CA LEU B 48 11.66 3.52 -0.91
C LEU B 48 11.92 4.38 0.30
N ASP B 49 12.92 4.04 1.11
CA ASP B 49 13.23 4.79 2.34
C ASP B 49 14.13 5.97 2.00
N LYS B 50 13.52 6.94 1.31
CA LYS B 50 14.21 8.09 0.74
C LYS B 50 13.34 9.33 0.96
N THR B 51 13.98 10.44 1.37
CA THR B 51 13.21 11.65 1.68
C THR B 51 12.31 12.08 0.52
N ASP B 52 12.80 12.05 -0.72
CA ASP B 52 11.95 12.54 -1.80
C ASP B 52 10.75 11.63 -2.03
N PHE B 53 10.88 10.32 -1.78
CA PHE B 53 9.74 9.43 -1.89
CA PHE B 53 9.75 9.42 -1.89
C PHE B 53 8.79 9.59 -0.71
N ILE B 54 9.33 9.81 0.49
CA ILE B 54 8.46 10.06 1.64
C ILE B 54 7.64 11.34 1.42
N VAL B 55 8.27 12.39 0.85
CA VAL B 55 7.54 13.61 0.50
C VAL B 55 6.49 13.31 -0.57
N ALA B 56 6.86 12.56 -1.61
CA ALA B 56 5.86 12.24 -2.63
C ALA B 56 4.66 11.50 -2.04
N MET B 57 4.90 10.55 -1.13
CA MET B 57 3.78 9.84 -0.52
C MET B 57 2.94 10.77 0.34
N ALA B 58 3.60 11.69 1.06
CA ALA B 58 2.85 12.62 1.89
C ALA B 58 1.95 13.51 1.05
N ILE B 59 2.49 14.02 -0.06
CA ILE B 59 1.67 14.81 -0.97
C ILE B 59 0.52 13.97 -1.51
N ALA B 60 0.84 12.74 -1.96
CA ALA B 60 -0.20 11.86 -2.51
C ALA B 60 -1.34 11.65 -1.53
N VAL B 61 -1.02 11.33 -0.27
CA VAL B 61 -2.13 11.03 0.63
C VAL B 61 -2.89 12.29 1.01
N GLU B 62 -2.23 13.46 1.05
CA GLU B 62 -2.99 14.69 1.23
C GLU B 62 -3.96 14.89 0.07
N GLN B 63 -3.47 14.69 -1.16
CA GLN B 63 -4.33 14.78 -2.33
C GLN B 63 -5.47 13.76 -2.26
N ALA B 64 -5.24 12.60 -1.63
CA ALA B 64 -6.25 11.56 -1.54
C ALA B 64 -7.28 11.82 -0.45
N GLY B 65 -7.06 12.85 0.37
CA GLY B 65 -8.01 13.24 1.40
C GLY B 65 -7.58 12.94 2.82
N ALA B 66 -6.37 12.43 3.04
CA ALA B 66 -5.93 12.20 4.41
C ALA B 66 -5.79 13.52 5.13
N LYS B 67 -6.08 13.52 6.45
CA LYS B 67 -6.09 14.74 7.22
C LYS B 67 -4.90 14.90 8.16
N ALA B 68 -4.08 13.87 8.35
CA ALA B 68 -2.87 14.04 9.15
C ALA B 68 -1.90 12.91 8.85
N LEU B 69 -0.64 13.13 9.22
CA LEU B 69 0.43 12.19 8.95
C LEU B 69 1.21 11.92 10.23
N ARG B 70 1.86 10.76 10.29
CA ARG B 70 2.98 10.55 11.21
C ARG B 70 4.25 10.42 10.37
N ILE B 71 5.27 11.21 10.72
CA ILE B 71 6.52 11.25 9.98
C ILE B 71 7.65 11.05 10.97
N GLU B 72 8.65 10.26 10.59
CA GLU B 72 9.79 9.97 11.45
C GLU B 72 11.03 10.67 10.91
N GLY B 73 11.78 11.31 11.81
CA GLY B 73 13.01 11.96 11.38
C GLY B 73 12.86 13.46 11.21
N VAL B 74 13.79 14.24 11.79
CA VAL B 74 13.67 15.69 11.74
C VAL B 74 13.73 16.20 10.30
N SER B 75 14.68 15.69 9.52
CA SER B 75 14.79 16.14 8.14
C SER B 75 13.54 15.79 7.34
N ASN B 76 12.96 14.60 7.58
CA ASN B 76 11.73 14.21 6.90
C ASN B 76 10.57 15.10 7.33
N VAL B 77 10.45 15.38 8.64
CA VAL B 77 9.39 16.30 9.06
C VAL B 77 9.53 17.65 8.38
N ALA B 78 10.76 18.17 8.28
CA ALA B 78 10.98 19.46 7.65
C ALA B 78 10.57 19.43 6.19
N ALA B 79 10.96 18.35 5.49
CA ALA B 79 10.66 18.28 4.06
C ALA B 79 9.17 18.09 3.81
N VAL B 80 8.51 17.28 4.65
CA VAL B 80 7.08 17.04 4.45
C VAL B 80 6.28 18.27 4.81
N SER B 81 6.62 18.94 5.92
CA SER B 81 5.83 20.10 6.33
C SER B 81 5.96 21.23 5.32
N ALA B 82 7.04 21.25 4.54
CA ALA B 82 7.20 22.24 3.48
C ALA B 82 6.33 21.92 2.28
N ALA B 83 5.94 20.66 2.12
CA ALA B 83 5.24 20.20 0.92
C ALA B 83 3.73 20.07 1.09
N VAL B 84 3.23 19.92 2.33
CA VAL B 84 1.81 19.67 2.56
C VAL B 84 1.30 20.63 3.61
N THR B 85 -0.02 20.72 3.72
CA THR B 85 -0.74 21.56 4.68
CA THR B 85 -0.60 21.56 4.75
C THR B 85 -1.18 20.80 5.92
N ILE B 86 -1.51 19.52 5.77
CA ILE B 86 -2.09 18.75 6.86
C ILE B 86 -1.10 18.58 8.01
N PRO B 87 -1.59 18.45 9.23
CA PRO B 87 -0.70 18.42 10.39
C PRO B 87 0.10 17.14 10.48
N ILE B 88 1.31 17.28 11.04
CA ILE B 88 2.28 16.19 11.15
C ILE B 88 2.44 15.83 12.61
N ILE B 89 2.29 14.55 12.91
CA ILE B 89 2.71 13.97 14.18
C ILE B 89 4.16 13.52 13.98
N GLY B 90 5.11 14.18 14.64
CA GLY B 90 6.52 13.93 14.39
C GLY B 90 7.14 13.08 15.49
N ILE B 91 8.04 12.17 15.08
CA ILE B 91 8.83 11.36 16.00
C ILE B 91 10.23 11.29 15.45
N VAL B 92 11.17 10.90 16.31
CA VAL B 92 12.50 10.46 15.88
C VAL B 92 12.75 9.10 16.49
N LYS B 93 13.02 8.08 15.66
CA LYS B 93 13.22 6.72 16.15
C LYS B 93 14.71 6.43 16.24
N ARG B 94 15.19 6.06 17.43
CA ARG B 94 16.60 5.72 17.63
C ARG B 94 16.72 4.42 18.40
N ASP B 95 17.52 3.48 17.88
CA ASP B 95 17.89 2.30 18.64
C ASP B 95 19.13 2.62 19.46
N LEU B 96 18.97 2.66 20.82
CA LEU B 96 20.00 3.10 21.72
C LEU B 96 20.68 1.91 22.38
N PRO B 97 21.97 2.01 22.68
CA PRO B 97 22.65 0.84 23.25
C PRO B 97 22.24 0.56 24.68
N ASP B 98 21.84 1.57 25.45
CA ASP B 98 21.59 1.44 26.89
C ASP B 98 20.11 1.53 27.26
N SER B 99 19.19 1.37 26.29
CA SER B 99 17.77 1.56 26.60
C SER B 99 16.91 0.94 25.50
N PRO B 100 15.77 0.33 25.84
CA PRO B 100 14.86 -0.16 24.79
C PRO B 100 13.94 0.92 24.22
N VAL B 101 13.95 2.14 24.78
CA VAL B 101 13.10 3.21 24.30
C VAL B 101 13.66 3.73 22.98
N ARG B 102 12.80 3.80 21.97
CA ARG B 102 13.20 4.26 20.64
C ARG B 102 12.52 5.54 20.20
N ILE B 103 11.27 5.80 20.61
CA ILE B 103 10.50 6.88 20.01
C ILE B 103 10.79 8.19 20.75
N THR B 104 11.49 9.09 20.07
CA THR B 104 11.79 10.44 20.53
C THR B 104 12.42 10.48 21.92
N PRO B 105 13.62 9.91 22.09
CA PRO B 105 14.16 9.69 23.44
C PRO B 105 14.81 10.91 24.07
N PHE B 106 15.12 11.97 23.33
CA PHE B 106 15.88 13.11 23.86
C PHE B 106 15.15 14.42 23.70
N VAL B 107 15.38 15.33 24.66
CA VAL B 107 14.84 16.67 24.50
C VAL B 107 15.33 17.32 23.22
N SER B 108 16.56 17.01 22.79
CA SER B 108 17.03 17.62 21.53
C SER B 108 16.22 17.14 20.34
N ASP B 109 15.68 15.92 20.40
CA ASP B 109 14.80 15.46 19.33
C ASP B 109 13.46 16.19 19.37
N VAL B 110 12.91 16.39 20.58
CA VAL B 110 11.71 17.20 20.71
C VAL B 110 11.89 18.56 20.05
N ASP B 111 12.98 19.26 20.42
CA ASP B 111 13.20 20.59 19.88
C ASP B 111 13.40 20.55 18.37
N GLY B 112 14.13 19.55 17.87
CA GLY B 112 14.32 19.45 16.43
C GLY B 112 13.00 19.26 15.70
N LEU B 113 12.10 18.45 16.28
CA LEU B 113 10.82 18.18 15.63
C LEU B 113 9.94 19.41 15.63
N ALA B 114 9.91 20.15 16.75
CA ALA B 114 9.15 21.39 16.77
C ALA B 114 9.68 22.37 15.73
N ASN B 115 11.00 22.55 15.68
CA ASN B 115 11.57 23.50 14.74
CA ASN B 115 11.57 23.50 14.74
C ASN B 115 11.34 23.05 13.30
N ALA B 116 11.24 21.74 13.07
CA ALA B 116 11.01 21.24 11.72
C ALA B 116 9.57 21.37 11.26
N GLY B 117 8.63 21.73 12.13
CA GLY B 117 7.25 21.94 11.74
C GLY B 117 6.22 20.91 12.22
N ALA B 118 6.56 20.03 13.15
CA ALA B 118 5.57 19.11 13.69
C ALA B 118 4.45 19.88 14.38
N THR B 119 3.21 19.39 14.24
CA THR B 119 2.10 19.95 15.02
C THR B 119 1.92 19.19 16.33
N VAL B 120 2.15 17.89 16.27
CA VAL B 120 2.12 17.01 17.44
C VAL B 120 3.48 16.35 17.51
N ILE B 121 3.99 16.16 18.72
CA ILE B 121 5.22 15.38 18.91
C ILE B 121 4.87 14.15 19.74
N ALA B 122 5.12 12.97 19.19
CA ALA B 122 4.85 11.73 19.92
C ALA B 122 6.13 11.20 20.55
N PHE B 123 5.97 10.51 21.68
CA PHE B 123 7.12 10.01 22.43
C PHE B 123 6.75 8.73 23.19
N ASP B 124 7.75 7.87 23.38
CA ASP B 124 7.60 6.67 24.22
C ASP B 124 7.21 7.06 25.64
N ALA B 125 6.04 6.59 26.08
CA ALA B 125 5.55 6.93 27.42
C ALA B 125 5.64 5.75 28.38
N THR B 126 6.44 4.75 28.04
CA THR B 126 6.59 3.59 28.90
C THR B 126 7.47 3.92 30.09
N ASN B 127 7.36 3.11 31.14
CA ASN B 127 8.19 3.29 32.32
C ASN B 127 9.39 2.34 32.29
N ARG B 128 10.17 2.44 31.22
CA ARG B 128 11.35 1.61 31.04
C ARG B 128 12.62 2.42 31.24
N THR B 129 13.75 1.72 31.33
CA THR B 129 15.03 2.42 31.45
C THR B 129 15.24 3.30 30.22
N ARG B 130 15.62 4.56 30.44
CA ARG B 130 15.61 5.54 29.36
C ARG B 130 16.58 6.66 29.67
N PRO B 131 17.12 7.34 28.66
CA PRO B 131 18.14 8.36 28.92
C PRO B 131 17.59 9.67 29.46
N GLU B 132 16.30 9.95 29.27
CA GLU B 132 15.65 11.11 29.85
C GLU B 132 14.27 10.67 30.35
N SER B 133 13.85 11.24 31.47
CA SER B 133 12.59 10.82 32.06
C SER B 133 11.43 11.13 31.14
N ARG B 134 10.38 10.30 31.20
CA ARG B 134 9.20 10.60 30.40
C ARG B 134 8.55 11.91 30.84
N GLU B 135 8.61 12.25 32.13
CA GLU B 135 8.15 13.58 32.54
C GLU B 135 8.90 14.68 31.80
N ARG B 136 10.23 14.55 31.68
CA ARG B 136 11.01 15.63 31.09
C ARG B 136 10.74 15.74 29.59
N ILE B 137 10.53 14.62 28.92
CA ILE B 137 10.19 14.66 27.50
C ILE B 137 8.84 15.34 27.31
N ALA B 138 7.83 14.92 28.09
CA ALA B 138 6.52 15.54 27.97
C ALA B 138 6.59 17.03 28.25
N GLN B 139 7.33 17.44 29.28
CA GLN B 139 7.44 18.87 29.56
C GLN B 139 8.15 19.60 28.43
N ALA B 140 9.16 18.98 27.83
CA ALA B 140 9.84 19.63 26.71
C ALA B 140 8.88 19.86 25.56
N ILE B 141 8.00 18.89 25.28
CA ILE B 141 7.02 19.08 24.23
C ILE B 141 6.09 20.24 24.59
N LYS B 142 5.57 20.24 25.81
CA LYS B 142 4.73 21.35 26.23
C LYS B 142 5.42 22.69 26.00
N ASN B 143 6.71 22.77 26.30
CA ASN B 143 7.44 24.04 26.16
C ASN B 143 7.52 24.50 24.69
N THR B 144 7.50 23.59 23.72
CA THR B 144 7.58 24.00 22.32
C THR B 144 6.27 24.60 21.82
N GLY B 145 5.16 24.37 22.52
CA GLY B 145 3.85 24.73 22.02
C GLY B 145 3.17 23.65 21.18
N CYS B 146 3.91 22.65 20.74
CA CYS B 146 3.30 21.52 20.07
C CYS B 146 2.41 20.73 21.04
N PHE B 147 1.40 20.07 20.49
CA PHE B 147 0.70 19.06 21.28
C PHE B 147 1.61 17.86 21.52
N ALA B 148 1.40 17.19 22.66
CA ALA B 148 2.12 15.98 22.98
C ALA B 148 1.25 14.73 22.78
N MET B 149 1.86 13.68 22.26
CA MET B 149 1.20 12.39 22.09
C MET B 149 2.02 11.30 22.77
N ALA B 150 1.41 10.64 23.74
CA ALA B 150 2.03 9.54 24.48
C ALA B 150 1.84 8.26 23.70
N ASP B 151 2.94 7.68 23.21
CA ASP B 151 2.91 6.35 22.61
C ASP B 151 3.00 5.34 23.75
N CYS B 152 1.89 4.63 23.98
CA CYS B 152 1.73 3.82 25.19
C CYS B 152 1.74 2.33 24.88
N SER B 153 2.16 1.53 25.87
CA SER B 153 2.12 0.09 25.75
C SER B 153 1.06 -0.54 26.65
N THR B 154 0.69 0.13 27.73
CA THR B 154 -0.27 -0.38 28.71
C THR B 154 -1.18 0.76 29.13
N PHE B 155 -2.28 0.42 29.81
CA PHE B 155 -3.17 1.46 30.27
C PHE B 155 -2.47 2.40 31.25
N GLU B 156 -1.64 1.85 32.13
CA GLU B 156 -0.95 2.69 33.10
C GLU B 156 -0.08 3.75 32.43
N ASP B 157 0.52 3.44 31.27
CA ASP B 157 1.26 4.48 30.54
C ASP B 157 0.35 5.65 30.22
N GLY B 158 -0.88 5.36 29.79
CA GLY B 158 -1.77 6.43 29.38
C GLY B 158 -2.32 7.19 30.57
N LEU B 159 -2.59 6.48 31.67
CA LEU B 159 -2.98 7.16 32.89
C LEU B 159 -1.90 8.12 33.38
N TRP B 160 -0.65 7.67 33.34
CA TRP B 160 0.47 8.57 33.63
C TRP B 160 0.45 9.79 32.72
N ALA B 161 0.33 9.56 31.39
CA ALA B 161 0.40 10.67 30.46
C ALA B 161 -0.73 11.66 30.72
N ASN B 162 -1.94 11.15 30.96
CA ASN B 162 -3.05 12.04 31.24
C ASN B 162 -2.78 12.85 32.50
N SER B 163 -2.17 12.23 33.51
CA SER B 163 -1.83 12.95 34.74
C SER B 163 -0.84 14.08 34.49
N GLN B 164 -0.03 13.96 33.44
CA GLN B 164 0.99 14.93 33.09
C GLN B 164 0.47 16.03 32.17
N GLY B 165 -0.79 15.96 31.75
CA GLY B 165 -1.33 16.94 30.85
C GLY B 165 -1.12 16.62 29.38
N VAL B 166 -0.63 15.44 29.06
CA VAL B 166 -0.39 15.04 27.67
C VAL B 166 -1.72 14.98 26.94
N GLU B 167 -1.77 15.56 25.73
CA GLU B 167 -3.06 15.81 25.10
C GLU B 167 -3.62 14.58 24.41
N ILE B 168 -2.76 13.75 23.82
CA ILE B 168 -3.19 12.60 23.03
C ILE B 168 -2.51 11.35 23.57
N VAL B 169 -3.29 10.26 23.66
CA VAL B 169 -2.81 8.97 24.13
C VAL B 169 -2.99 7.96 23.02
N GLY B 170 -1.91 7.25 22.67
CA GLY B 170 -1.94 6.27 21.59
C GLY B 170 -1.61 4.88 22.09
N SER B 171 -2.12 3.87 21.40
CA SER B 171 -1.86 2.47 21.75
C SER B 171 -0.64 1.92 21.00
N THR B 172 0.18 2.84 20.46
CA THR B 172 1.29 2.57 19.55
C THR B 172 2.20 1.45 19.98
N LEU B 173 2.54 1.36 21.26
CA LEU B 173 3.59 0.45 21.70
C LEU B 173 3.04 -0.84 22.31
N SER B 174 1.73 -1.06 22.28
CA SER B 174 1.17 -2.28 22.83
C SER B 174 1.57 -3.45 21.96
N GLY B 175 2.24 -4.43 22.56
CA GLY B 175 2.75 -5.58 21.84
C GLY B 175 4.18 -5.46 21.38
N TYR B 176 4.85 -4.32 21.65
CA TYR B 176 6.20 -4.06 21.18
C TYR B 176 7.18 -3.87 22.34
N VAL B 177 6.79 -4.26 23.55
CA VAL B 177 7.67 -4.16 24.70
C VAL B 177 8.00 -5.51 25.32
N GLY B 178 7.18 -6.53 25.10
CA GLY B 178 7.44 -7.85 25.65
C GLY B 178 8.25 -8.71 24.71
N ASP B 179 7.81 -9.96 24.51
CA ASP B 179 8.54 -10.91 23.69
C ASP B 179 7.82 -11.17 22.37
N ILE B 180 6.71 -11.91 22.39
CA ILE B 180 6.03 -12.29 21.16
C ILE B 180 5.08 -11.17 20.75
N GLU B 181 5.29 -10.65 19.55
CA GLU B 181 4.38 -9.63 19.02
C GLU B 181 3.04 -10.25 18.68
N PRO B 182 1.94 -9.71 19.17
CA PRO B 182 0.63 -10.12 18.66
C PRO B 182 0.51 -9.79 17.19
N THR B 183 -0.40 -10.52 16.53
CA THR B 183 -0.79 -10.15 15.18
C THR B 183 -2.06 -9.31 15.16
N VAL B 184 -2.94 -9.49 16.15
CA VAL B 184 -4.19 -8.72 16.18
C VAL B 184 -3.94 -7.39 16.86
N PRO B 185 -4.75 -6.37 16.59
CA PRO B 185 -4.59 -5.10 17.31
C PRO B 185 -5.13 -5.20 18.73
N ASP B 186 -4.63 -4.30 19.58
CA ASP B 186 -5.04 -4.26 20.98
C ASP B 186 -6.28 -3.37 21.10
N PHE B 187 -7.44 -3.97 20.78
CA PHE B 187 -8.70 -3.23 20.87
C PHE B 187 -9.00 -2.85 22.32
N GLN B 188 -8.66 -3.73 23.27
CA GLN B 188 -9.04 -3.47 24.66
C GLN B 188 -8.36 -2.21 25.19
N LEU B 189 -7.11 -1.97 24.80
CA LEU B 189 -6.44 -0.77 25.29
C LEU B 189 -7.11 0.48 24.71
N VAL B 190 -7.53 0.42 23.44
CA VAL B 190 -8.22 1.56 22.84
C VAL B 190 -9.53 1.83 23.57
N LYS B 191 -10.31 0.77 23.81
CA LYS B 191 -11.55 0.91 24.58
C LYS B 191 -11.27 1.54 25.93
N ALA B 192 -10.23 1.06 26.62
CA ALA B 192 -9.94 1.56 27.96
C ALA B 192 -9.56 3.03 27.94
N PHE B 193 -8.69 3.41 26.99
CA PHE B 193 -8.32 4.82 26.87
C PHE B 193 -9.53 5.69 26.56
N SER B 194 -10.40 5.24 25.65
CA SER B 194 -11.57 6.03 25.30
CA SER B 194 -11.56 6.06 25.31
C SER B 194 -12.54 6.14 26.47
N GLU B 195 -12.75 5.02 27.18
CA GLU B 195 -13.63 5.02 28.34
C GLU B 195 -13.10 5.91 29.43
N ALA B 196 -11.77 6.04 29.53
CA ALA B 196 -11.16 6.94 30.50
C ALA B 196 -11.31 8.41 30.14
N GLY B 197 -11.85 8.72 28.96
CA GLY B 197 -12.00 10.09 28.53
C GLY B 197 -10.81 10.67 27.78
N PHE B 198 -9.82 9.84 27.46
CA PHE B 198 -8.63 10.34 26.80
C PHE B 198 -8.90 10.57 25.32
N PHE B 199 -8.19 11.53 24.74
CA PHE B 199 -8.14 11.72 23.29
C PHE B 199 -7.30 10.57 22.75
N THR B 200 -7.97 9.54 22.24
CA THR B 200 -7.35 8.24 21.99
C THR B 200 -7.04 8.07 20.50
N MET B 201 -5.78 7.76 20.22
CA MET B 201 -5.34 7.38 18.88
C MET B 201 -5.08 5.88 18.86
N ALA B 202 -5.82 5.15 18.03
CA ALA B 202 -5.57 3.73 17.86
C ALA B 202 -4.38 3.59 16.94
N GLU B 203 -3.40 2.79 17.34
CA GLU B 203 -2.19 2.67 16.51
C GLU B 203 -1.52 1.33 16.76
N GLY B 204 -1.33 0.55 15.70
CA GLY B 204 -0.70 -0.74 15.86
C GLY B 204 -1.51 -1.87 15.25
N ARG B 205 -1.12 -2.27 14.05
CA ARG B 205 -1.63 -3.47 13.40
C ARG B 205 -3.07 -3.34 12.92
N TYR B 206 -3.57 -2.12 12.73
CA TYR B 206 -4.87 -1.91 12.10
C TYR B 206 -4.67 -2.03 10.59
N ASN B 207 -4.54 -3.28 10.15
CA ASN B 207 -4.01 -3.59 8.83
C ASN B 207 -5.05 -3.54 7.71
N THR B 208 -6.32 -3.36 8.03
CA THR B 208 -7.36 -3.31 7.02
C THR B 208 -8.33 -2.18 7.32
N PRO B 209 -9.03 -1.68 6.32
CA PRO B 209 -10.07 -0.66 6.59
C PRO B 209 -11.08 -1.12 7.64
N GLU B 210 -11.45 -2.41 7.63
CA GLU B 210 -12.43 -2.90 8.60
C GLU B 210 -11.88 -2.88 10.01
N LEU B 211 -10.63 -3.32 10.20
CA LEU B 211 -10.03 -3.23 11.53
C LEU B 211 -9.89 -1.80 11.98
N ALA B 212 -9.49 -0.90 11.07
CA ALA B 212 -9.40 0.52 11.42
C ALA B 212 -10.77 1.06 11.82
N ALA B 213 -11.83 0.66 11.11
CA ALA B 213 -13.17 1.10 11.48
C ALA B 213 -13.54 0.60 12.86
N LYS B 214 -13.14 -0.62 13.20
CA LYS B 214 -13.45 -1.16 14.54
C LYS B 214 -12.74 -0.38 15.62
N ALA B 215 -11.54 0.14 15.36
CA ALA B 215 -10.89 1.00 16.32
C ALA B 215 -11.74 2.24 16.60
N ILE B 216 -12.28 2.86 15.55
CA ILE B 216 -13.16 4.02 15.71
C ILE B 216 -14.39 3.64 16.53
N GLU B 217 -15.01 2.50 16.16
CA GLU B 217 -16.18 2.03 16.89
C GLU B 217 -15.85 1.76 18.35
N SER B 218 -14.62 1.33 18.64
CA SER B 218 -14.19 1.07 20.01
C SER B 218 -13.94 2.34 20.81
N GLY B 219 -14.07 3.52 20.21
CA GLY B 219 -13.91 4.78 20.92
C GLY B 219 -12.73 5.63 20.50
N ALA B 220 -11.90 5.18 19.57
CA ALA B 220 -10.78 5.98 19.14
C ALA B 220 -11.27 7.24 18.41
N VAL B 221 -10.61 8.37 18.67
CA VAL B 221 -10.83 9.57 17.85
C VAL B 221 -10.41 9.29 16.42
N ALA B 222 -9.22 8.73 16.27
CA ALA B 222 -8.59 8.53 14.96
C ALA B 222 -7.73 7.29 15.05
N VAL B 223 -7.32 6.77 13.91
CA VAL B 223 -6.52 5.56 13.85
CA VAL B 223 -6.52 5.56 13.84
C VAL B 223 -5.33 5.83 12.94
N THR B 224 -4.13 5.53 13.44
CA THR B 224 -2.90 5.70 12.65
C THR B 224 -2.54 4.36 12.03
N VAL B 225 -2.32 4.36 10.71
CA VAL B 225 -2.06 3.15 9.96
C VAL B 225 -0.74 3.36 9.23
N GLY B 226 0.19 2.42 9.42
CA GLY B 226 1.48 2.53 8.75
C GLY B 226 1.70 1.45 7.70
N SER B 227 2.09 0.26 8.16
CA SER B 227 2.51 -0.81 7.25
C SER B 227 1.55 -1.00 6.08
N ALA B 228 0.25 -1.15 6.38
CA ALA B 228 -0.72 -1.50 5.34
C ALA B 228 -0.78 -0.46 4.23
N LEU B 229 -0.35 0.77 4.50
CA LEU B 229 -0.30 1.84 3.49
C LEU B 229 1.10 2.15 2.98
N THR B 230 2.13 2.12 3.82
CA THR B 230 3.40 2.67 3.40
C THR B 230 4.60 1.74 3.59
N ARG B 231 4.38 0.44 3.81
CA ARG B 231 5.46 -0.54 3.77
C ARG B 231 5.14 -1.54 2.66
N LEU B 232 5.54 -1.19 1.42
CA LEU B 232 5.15 -2.00 0.27
C LEU B 232 5.65 -3.45 0.41
N GLU B 233 6.86 -3.63 0.94
CA GLU B 233 7.41 -4.98 1.07
C GLU B 233 6.58 -5.83 2.02
N VAL B 234 6.05 -5.21 3.08
CA VAL B 234 5.25 -5.95 4.04
C VAL B 234 3.94 -6.41 3.41
N VAL B 235 3.24 -5.50 2.72
CA VAL B 235 1.96 -5.85 2.13
C VAL B 235 2.16 -6.90 1.03
N THR B 236 3.24 -6.76 0.26
CA THR B 236 3.57 -7.78 -0.74
C THR B 236 3.66 -9.16 -0.10
N GLN B 237 4.36 -9.27 1.03
CA GLN B 237 4.48 -10.58 1.67
C GLN B 237 3.14 -11.06 2.24
N TRP B 238 2.28 -10.14 2.71
CA TRP B 238 0.94 -10.53 3.12
C TRP B 238 0.21 -11.25 1.98
N PHE B 239 0.29 -10.67 0.78
CA PHE B 239 -0.38 -11.28 -0.36
C PHE B 239 0.26 -12.61 -0.73
N ASN B 240 1.59 -12.66 -0.82
CA ASN B 240 2.24 -13.89 -1.25
C ASN B 240 2.07 -14.99 -0.20
N ASN B 241 2.09 -14.62 1.08
CA ASN B 241 1.80 -15.61 2.11
C ASN B 241 0.49 -16.34 1.81
N ALA B 242 -0.56 -15.58 1.46
CA ALA B 242 -1.86 -16.19 1.22
C ALA B 242 -1.88 -16.97 -0.08
N THR B 243 -1.39 -16.38 -1.17
CA THR B 243 -1.49 -17.06 -2.47
C THR B 243 -0.57 -18.28 -2.52
N GLN B 244 0.64 -18.16 -1.99
CA GLN B 244 1.57 -19.29 -2.00
C GLN B 244 1.03 -20.45 -1.17
N ALA B 245 0.38 -20.15 -0.05
CA ALA B 245 -0.24 -21.20 0.75
C ALA B 245 -1.36 -21.89 -0.01
N ALA B 246 -2.21 -21.11 -0.67
CA ALA B 246 -3.27 -21.68 -1.50
C ALA B 246 -2.68 -22.49 -2.64
N GLY B 247 -1.55 -22.05 -3.20
CA GLY B 247 -0.94 -22.80 -4.28
C GLY B 247 -0.36 -24.12 -3.82
N GLU B 248 0.19 -24.13 -2.59
CA GLU B 248 0.74 -25.37 -2.05
C GLU B 248 -0.38 -26.35 -1.67
N ARG B 249 -1.45 -25.85 -1.05
CA ARG B 249 -2.61 -26.71 -0.79
C ARG B 249 -3.07 -27.41 -2.05
N LYS B 250 -3.18 -26.64 -3.15
CA LYS B 250 -3.60 -27.20 -4.43
C LYS B 250 -2.65 -28.31 -4.88
N CYS B 251 -1.35 -28.16 -4.58
CA CYS B 251 -0.33 -29.08 -5.08
C CYS B 251 0.23 -29.98 -3.98
#